data_1MBT
#
_entry.id   1MBT
#
_cell.length_a   50.400
_cell.length_b   79.100
_cell.length_c   90.800
_cell.angle_alpha   90.00
_cell.angle_beta   90.00
_cell.angle_gamma   90.00
#
_symmetry.space_group_name_H-M   'P 21 21 21'
#
loop_
_entity.id
_entity.type
_entity.pdbx_description
1 polymer 'URIDINE DIPHOSPHO-N-ACETYLENOLPYRUVYLGLUCOSAMINE REDUCTASE'
2 non-polymer 'SULFATE ION'
3 non-polymer 'FLAVIN-ADENINE DINUCLEOTIDE'
4 water water
#
_entity_poly.entity_id   1
_entity_poly.type   'polypeptide(L)'
_entity_poly.pdbx_seq_one_letter_code
;MNHSLKPWNTFGIDHNAQHIVCAEDEQQLLNAWQYATAEGQPVLILGEGSNVLFLEDYRGTVIINRIKGIEIHDEPDAWY
LHVGAGENWHRLVKYTLQEGMPGLENLALIPGCVGSSPIQNIGAYGVELQRVCAYVDSVELATGKQVRLTAKECRFGYRD
SIFKHEYQDRFAIVAVGLRLPKEWQPVLTYGDLTRLDPTTVTPQQVFNAVCHMRTTKLPDPKVNGNAGSFFKNPVVSAET
AKALLSQFPTAPNYPQADGSVKLAAGWLIDQCQLKGMQIGGAAVHRQQALVLINEDNAKSEDVVQLAHHVRQKVGEKFNV
WLEPEVRFIGASGEVSAVETIS
;
_entity_poly.pdbx_strand_id   A
#
# COMPACT_ATOMS: atom_id res chain seq x y z
N HIS A 3 -24.40 -8.32 1.41
CA HIS A 3 -23.15 -8.51 2.15
C HIS A 3 -22.29 -7.29 2.44
N SER A 4 -22.12 -7.01 3.73
CA SER A 4 -21.37 -5.84 4.17
C SER A 4 -19.86 -5.86 4.06
N LEU A 5 -19.33 -4.96 3.25
CA LEU A 5 -17.90 -4.76 3.07
C LEU A 5 -17.25 -4.08 4.23
N LYS A 6 -18.01 -3.59 5.21
CA LYS A 6 -17.38 -2.85 6.32
C LYS A 6 -16.32 -3.56 7.16
N PRO A 7 -16.34 -4.87 7.30
CA PRO A 7 -15.14 -5.60 7.75
C PRO A 7 -13.97 -5.83 6.77
N TRP A 8 -14.17 -5.58 5.48
CA TRP A 8 -13.23 -5.80 4.35
C TRP A 8 -12.80 -4.47 3.73
N ASN A 9 -12.60 -3.57 4.67
CA ASN A 9 -12.41 -2.16 4.42
C ASN A 9 -11.69 -1.65 5.68
N THR A 10 -10.46 -1.15 5.63
CA THR A 10 -9.84 -0.56 6.83
C THR A 10 -10.41 0.82 7.15
N PHE A 11 -11.01 1.48 6.16
CA PHE A 11 -11.67 2.73 6.41
C PHE A 11 -12.88 2.61 7.32
N GLY A 12 -13.63 1.52 7.30
CA GLY A 12 -14.80 1.38 8.15
C GLY A 12 -16.10 1.84 7.46
N ILE A 13 -15.99 2.22 6.20
CA ILE A 13 -17.15 2.59 5.39
C ILE A 13 -18.03 1.35 5.16
N ASP A 14 -19.32 1.41 5.55
CA ASP A 14 -20.29 0.35 5.31
C ASP A 14 -21.01 0.49 3.97
N HIS A 15 -20.66 -0.43 3.08
CA HIS A 15 -21.26 -0.63 1.77
C HIS A 15 -21.38 -2.12 1.55
N ASN A 16 -22.20 -2.55 0.59
CA ASN A 16 -22.43 -3.96 0.36
C ASN A 16 -21.97 -4.48 -0.98
N ALA A 17 -21.43 -5.69 -0.99
CA ALA A 17 -21.16 -6.40 -2.24
C ALA A 17 -22.25 -7.46 -2.41
N GLN A 18 -22.60 -7.76 -3.65
CA GLN A 18 -23.60 -8.79 -3.90
C GLN A 18 -23.14 -10.16 -3.36
N HIS A 19 -21.84 -10.39 -3.48
CA HIS A 19 -21.30 -11.62 -2.93
C HIS A 19 -19.90 -11.47 -2.34
N ILE A 20 -19.68 -12.14 -1.20
CA ILE A 20 -18.35 -12.28 -0.58
C ILE A 20 -17.85 -13.76 -0.48
N VAL A 21 -16.65 -14.15 -0.92
CA VAL A 21 -16.14 -15.53 -0.75
C VAL A 21 -14.64 -15.65 -0.35
N CYS A 22 -14.26 -16.49 0.64
CA CYS A 22 -12.87 -16.71 1.07
C CYS A 22 -12.14 -17.81 0.31
N ALA A 23 -11.25 -17.47 -0.63
CA ALA A 23 -10.40 -18.42 -1.33
C ALA A 23 -9.27 -18.90 -0.45
N GLU A 24 -9.33 -20.13 0.06
CA GLU A 24 -8.22 -20.77 0.78
C GLU A 24 -7.17 -21.34 -0.20
N ASP A 25 -7.59 -21.58 -1.45
CA ASP A 25 -6.66 -22.01 -2.49
C ASP A 25 -6.89 -21.56 -3.92
N GLU A 26 -5.87 -21.73 -4.78
CA GLU A 26 -5.88 -21.31 -6.18
C GLU A 26 -7.07 -21.72 -7.04
N GLN A 27 -7.38 -23.01 -6.97
CA GLN A 27 -8.48 -23.58 -7.72
C GLN A 27 -9.87 -23.07 -7.27
N GLN A 28 -10.13 -22.98 -5.97
CA GLN A 28 -11.34 -22.32 -5.43
C GLN A 28 -11.44 -20.87 -5.91
N LEU A 29 -10.35 -20.06 -5.84
CA LEU A 29 -10.29 -18.72 -6.44
C LEU A 29 -10.74 -18.74 -7.91
N LEU A 30 -10.19 -19.63 -8.77
CA LEU A 30 -10.64 -19.77 -10.16
C LEU A 30 -12.09 -20.18 -10.38
N ASN A 31 -12.61 -21.18 -9.65
CA ASN A 31 -14.03 -21.54 -9.71
C ASN A 31 -15.01 -20.41 -9.35
N ALA A 32 -14.74 -19.70 -8.24
CA ALA A 32 -15.47 -18.50 -7.83
C ALA A 32 -15.42 -17.39 -8.90
N TRP A 33 -14.24 -17.11 -9.46
CA TRP A 33 -14.12 -16.11 -10.52
C TRP A 33 -14.90 -16.51 -11.78
N GLN A 34 -14.72 -17.75 -12.28
CA GLN A 34 -15.48 -18.29 -13.42
C GLN A 34 -17.01 -18.31 -13.25
N TYR A 35 -17.49 -18.57 -12.03
CA TYR A 35 -18.92 -18.46 -11.70
C TYR A 35 -19.43 -17.02 -11.80
N ALA A 36 -18.88 -16.13 -10.98
CA ALA A 36 -19.30 -14.72 -10.97
C ALA A 36 -19.25 -14.13 -12.36
N THR A 37 -18.15 -14.30 -13.08
CA THR A 37 -18.09 -13.78 -14.43
C THR A 37 -19.06 -14.44 -15.41
N ALA A 38 -19.35 -15.75 -15.31
CA ALA A 38 -20.41 -16.33 -16.14
C ALA A 38 -21.79 -15.75 -15.82
N GLU A 39 -22.04 -15.27 -14.60
CA GLU A 39 -23.29 -14.57 -14.23
C GLU A 39 -23.33 -13.08 -14.62
N GLY A 40 -22.30 -12.62 -15.33
CA GLY A 40 -22.14 -11.22 -15.69
C GLY A 40 -21.61 -10.35 -14.55
N GLN A 41 -21.13 -10.92 -13.44
CA GLN A 41 -20.65 -10.11 -12.34
C GLN A 41 -19.20 -9.62 -12.51
N PRO A 42 -18.89 -8.37 -12.12
CA PRO A 42 -17.56 -7.97 -11.74
C PRO A 42 -17.03 -8.75 -10.54
N VAL A 43 -15.75 -9.10 -10.56
CA VAL A 43 -15.12 -9.78 -9.44
C VAL A 43 -14.04 -8.82 -8.91
N LEU A 44 -13.80 -8.78 -7.61
CA LEU A 44 -12.72 -7.96 -7.05
C LEU A 44 -11.84 -8.78 -6.07
N ILE A 45 -10.57 -9.08 -6.33
CA ILE A 45 -9.78 -9.88 -5.38
C ILE A 45 -9.33 -9.00 -4.21
N LEU A 46 -9.20 -9.50 -3.00
CA LEU A 46 -8.84 -8.61 -1.91
C LEU A 46 -8.08 -9.33 -0.81
N GLY A 47 -7.13 -8.69 -0.15
CA GLY A 47 -6.51 -9.28 1.06
C GLY A 47 -7.21 -8.76 2.32
N GLU A 48 -6.72 -7.66 2.89
CA GLU A 48 -7.34 -7.04 4.08
C GLU A 48 -8.15 -5.74 3.94
N GLY A 49 -8.46 -5.31 2.72
CA GLY A 49 -9.09 -4.01 2.50
C GLY A 49 -8.26 -2.77 2.86
N SER A 50 -7.05 -2.87 3.38
CA SER A 50 -6.25 -1.70 3.78
C SER A 50 -5.81 -0.63 2.80
N ASN A 51 -6.23 -0.78 1.56
CA ASN A 51 -5.91 0.20 0.53
C ASN A 51 -7.03 0.50 -0.47
N VAL A 52 -8.25 0.24 -0.03
CA VAL A 52 -9.41 0.59 -0.84
C VAL A 52 -10.38 1.50 -0.11
N LEU A 53 -11.00 2.26 -1.01
CA LEU A 53 -12.12 3.12 -0.72
C LEU A 53 -13.30 2.69 -1.59
N PHE A 54 -14.31 2.10 -0.94
CA PHE A 54 -15.54 1.69 -1.62
C PHE A 54 -16.51 2.85 -1.77
N LEU A 55 -16.61 3.48 -2.95
CA LEU A 55 -17.50 4.63 -3.19
C LEU A 55 -19.01 4.30 -3.29
N GLU A 56 -19.42 3.23 -3.97
CA GLU A 56 -20.82 2.86 -4.05
C GLU A 56 -20.96 1.47 -3.40
N ASP A 57 -22.10 0.81 -3.57
CA ASP A 57 -22.28 -0.59 -3.15
C ASP A 57 -21.82 -1.40 -4.33
N TYR A 58 -21.10 -2.50 -4.13
CA TYR A 58 -20.52 -3.27 -5.22
C TYR A 58 -21.40 -4.29 -5.94
N ARG A 59 -21.69 -4.12 -7.24
CA ARG A 59 -22.47 -5.04 -8.07
C ARG A 59 -21.82 -6.39 -8.45
N GLY A 60 -20.94 -6.97 -7.60
CA GLY A 60 -20.25 -8.21 -7.94
C GLY A 60 -19.72 -9.02 -6.78
N THR A 61 -18.84 -10.00 -7.06
CA THR A 61 -18.29 -10.85 -6.00
C THR A 61 -16.90 -10.40 -5.57
N VAL A 62 -16.70 -10.21 -4.27
CA VAL A 62 -15.39 -9.91 -3.70
C VAL A 62 -14.68 -11.22 -3.29
N ILE A 63 -13.50 -11.60 -3.76
CA ILE A 63 -12.89 -12.84 -3.26
C ILE A 63 -11.77 -12.52 -2.29
N ILE A 64 -11.97 -12.83 -1.01
CA ILE A 64 -10.95 -12.60 -0.01
C ILE A 64 -9.97 -13.74 -0.20
N ASN A 65 -8.75 -13.37 -0.55
CA ASN A 65 -7.68 -14.29 -0.87
C ASN A 65 -6.90 -14.77 0.36
N ARG A 66 -7.26 -15.93 0.89
CA ARG A 66 -6.56 -16.52 2.02
C ARG A 66 -5.65 -17.70 1.70
N ILE A 67 -4.96 -17.68 0.54
CA ILE A 67 -4.06 -18.74 0.08
C ILE A 67 -2.77 -18.77 0.91
N LYS A 68 -2.76 -19.45 2.05
CA LYS A 68 -1.60 -19.46 2.94
C LYS A 68 -0.36 -20.31 2.63
N GLY A 69 0.81 -20.01 3.15
CA GLY A 69 1.98 -20.89 3.03
C GLY A 69 3.36 -20.23 2.93
N ILE A 70 4.29 -20.49 3.85
CA ILE A 70 5.64 -19.93 3.75
C ILE A 70 6.57 -21.07 3.35
N GLU A 71 7.43 -20.88 2.36
CA GLU A 71 8.45 -21.88 2.06
C GLU A 71 9.81 -21.20 2.08
N ILE A 72 10.69 -21.55 3.02
CA ILE A 72 12.07 -21.05 3.02
C ILE A 72 12.94 -21.93 2.11
N HIS A 73 13.85 -21.38 1.31
CA HIS A 73 14.82 -22.20 0.57
C HIS A 73 16.21 -21.61 0.66
N ASP A 74 17.23 -22.35 1.08
CA ASP A 74 18.56 -21.76 1.16
C ASP A 74 19.36 -21.85 -0.14
N GLU A 75 19.88 -20.74 -0.61
CA GLU A 75 20.86 -20.72 -1.70
C GLU A 75 22.21 -20.26 -1.11
N PRO A 76 23.39 -20.31 -1.76
CA PRO A 76 24.62 -19.77 -1.17
C PRO A 76 24.51 -18.30 -0.79
N ASP A 77 24.05 -17.54 -1.78
CA ASP A 77 23.86 -16.09 -1.68
C ASP A 77 22.69 -15.54 -0.84
N ALA A 78 21.53 -16.22 -0.90
CA ALA A 78 20.33 -15.72 -0.24
C ALA A 78 19.33 -16.78 0.16
N TRP A 79 18.42 -16.46 1.08
CA TRP A 79 17.34 -17.37 1.41
C TRP A 79 16.18 -16.93 0.52
N TYR A 80 15.69 -17.80 -0.32
CA TYR A 80 14.55 -17.50 -1.19
C TYR A 80 13.23 -17.95 -0.60
N LEU A 81 12.39 -17.01 -0.22
CA LEU A 81 11.09 -17.35 0.34
C LEU A 81 10.00 -17.40 -0.70
N HIS A 82 9.15 -18.40 -0.50
CA HIS A 82 8.04 -18.55 -1.42
C HIS A 82 6.81 -18.46 -0.55
N VAL A 83 6.13 -17.32 -0.64
CA VAL A 83 4.98 -17.10 0.23
C VAL A 83 3.63 -17.07 -0.48
N GLY A 84 2.56 -17.45 0.22
CA GLY A 84 1.22 -17.42 -0.36
C GLY A 84 0.56 -16.04 -0.29
N ALA A 85 -0.13 -15.65 -1.36
CA ALA A 85 -0.82 -14.38 -1.39
C ALA A 85 -1.74 -14.01 -0.19
N GLY A 86 -2.29 -15.02 0.52
CA GLY A 86 -3.15 -14.82 1.70
C GLY A 86 -2.41 -14.60 3.02
N GLU A 87 -1.10 -14.82 3.00
CA GLU A 87 -0.31 -14.56 4.19
C GLU A 87 -0.29 -13.09 4.65
N ASN A 88 -0.31 -12.90 5.96
CA ASN A 88 -0.28 -11.55 6.53
C ASN A 88 1.10 -10.95 6.36
N TRP A 89 1.29 -9.71 5.89
CA TRP A 89 2.63 -9.15 5.77
C TRP A 89 3.33 -8.91 7.10
N HIS A 90 2.79 -8.19 8.11
CA HIS A 90 3.53 -8.06 9.37
C HIS A 90 3.83 -9.38 10.09
N ARG A 91 3.04 -10.45 10.02
CA ARG A 91 3.45 -11.75 10.60
C ARG A 91 4.65 -12.33 9.85
N LEU A 92 4.69 -12.14 8.52
CA LEU A 92 5.84 -12.53 7.75
C LEU A 92 7.05 -11.71 8.23
N VAL A 93 7.03 -10.36 8.37
CA VAL A 93 8.16 -9.58 8.94
C VAL A 93 8.61 -10.07 10.33
N LYS A 94 7.76 -10.44 11.28
CA LYS A 94 8.23 -10.96 12.59
C LYS A 94 8.72 -12.39 12.49
N TYR A 95 8.18 -13.23 11.60
CA TYR A 95 8.64 -14.60 11.40
C TYR A 95 10.06 -14.71 10.78
N THR A 96 10.37 -13.93 9.73
CA THR A 96 11.72 -13.91 9.16
C THR A 96 12.72 -13.29 10.14
N LEU A 97 12.41 -12.22 10.89
CA LEU A 97 13.29 -11.73 11.95
C LEU A 97 13.46 -12.63 13.20
N GLN A 98 12.53 -13.56 13.44
CA GLN A 98 12.61 -14.57 14.51
C GLN A 98 13.40 -15.80 14.07
N GLU A 99 13.21 -16.17 12.80
CA GLU A 99 13.91 -17.27 12.13
C GLU A 99 15.30 -17.01 11.55
N GLY A 100 15.98 -15.97 12.04
CA GLY A 100 17.33 -15.63 11.59
C GLY A 100 17.46 -15.00 10.20
N MET A 101 16.38 -14.45 9.64
CA MET A 101 16.43 -13.83 8.31
C MET A 101 16.17 -12.32 8.15
N PRO A 102 17.20 -11.49 8.31
CA PRO A 102 17.08 -10.04 8.24
C PRO A 102 16.91 -9.53 6.81
N GLY A 103 16.42 -8.29 6.73
CA GLY A 103 16.14 -7.66 5.43
C GLY A 103 14.76 -7.03 5.32
N LEU A 104 13.76 -7.61 5.98
CA LEU A 104 12.40 -7.04 5.97
C LEU A 104 11.93 -6.10 7.10
N GLU A 105 12.65 -5.87 8.19
CA GLU A 105 12.26 -4.94 9.28
C GLU A 105 11.70 -3.53 8.98
N ASN A 106 12.31 -2.74 8.11
CA ASN A 106 11.79 -1.44 7.65
C ASN A 106 10.38 -1.40 7.00
N LEU A 107 9.86 -2.56 6.62
CA LEU A 107 8.49 -2.70 6.13
C LEU A 107 7.53 -3.31 7.18
N ALA A 108 7.99 -3.41 8.43
CA ALA A 108 7.16 -3.93 9.51
C ALA A 108 5.96 -3.05 9.81
N LEU A 109 4.86 -3.74 10.12
CA LEU A 109 3.55 -3.19 10.50
C LEU A 109 2.77 -2.51 9.38
N ILE A 110 3.21 -2.72 8.14
CA ILE A 110 2.37 -2.37 6.99
C ILE A 110 1.25 -3.43 7.00
N PRO A 111 -0.02 -3.05 6.90
CA PRO A 111 -1.06 -4.04 6.76
C PRO A 111 -1.22 -4.57 5.35
N GLY A 112 -2.08 -5.55 5.32
CA GLY A 112 -2.38 -6.24 4.09
C GLY A 112 -1.72 -7.60 4.00
N CYS A 113 -1.97 -8.16 2.84
CA CYS A 113 -1.54 -9.51 2.55
C CYS A 113 -0.32 -9.56 1.66
N VAL A 114 0.51 -10.61 1.68
CA VAL A 114 1.70 -10.65 0.84
C VAL A 114 1.33 -10.51 -0.62
N GLY A 115 0.22 -10.99 -1.14
CA GLY A 115 -0.14 -10.81 -2.55
C GLY A 115 -0.39 -9.38 -3.02
N SER A 116 -0.69 -8.49 -2.07
CA SER A 116 -0.92 -7.07 -2.32
C SER A 116 0.32 -6.26 -2.60
N SER A 117 1.35 -6.64 -1.85
CA SER A 117 2.61 -5.93 -1.87
C SER A 117 3.30 -5.80 -3.22
N PRO A 118 3.35 -6.71 -4.22
CA PRO A 118 3.85 -6.36 -5.55
C PRO A 118 3.00 -5.35 -6.32
N ILE A 119 1.72 -5.25 -5.94
CA ILE A 119 0.80 -4.42 -6.69
C ILE A 119 1.04 -2.96 -6.46
N GLN A 120 1.09 -2.55 -5.21
CA GLN A 120 1.39 -1.15 -4.94
C GLN A 120 2.88 -1.01 -4.61
N ASN A 121 3.71 -2.04 -4.49
CA ASN A 121 5.13 -1.98 -4.18
C ASN A 121 5.39 -1.24 -2.87
N ILE A 122 4.87 -1.86 -1.83
CA ILE A 122 4.84 -1.28 -0.49
C ILE A 122 6.18 -0.68 -0.03
N GLY A 123 6.09 0.58 0.35
CA GLY A 123 7.24 1.34 0.79
C GLY A 123 7.09 1.92 2.18
N ALA A 124 8.25 2.02 2.80
CA ALA A 124 8.41 2.61 4.12
C ALA A 124 9.88 2.73 4.49
N TYR A 125 10.31 3.84 5.13
CA TYR A 125 11.65 4.03 5.72
C TYR A 125 12.89 3.77 4.85
N GLY A 126 12.67 4.00 3.57
CA GLY A 126 13.73 3.79 2.60
C GLY A 126 13.54 2.55 1.73
N VAL A 127 13.16 1.39 2.30
CA VAL A 127 12.95 0.22 1.45
C VAL A 127 11.52 0.12 0.90
N GLU A 128 11.53 -0.39 -0.33
CA GLU A 128 10.34 -0.73 -1.08
C GLU A 128 10.35 -2.25 -1.38
N LEU A 129 9.21 -2.89 -1.63
CA LEU A 129 9.22 -4.33 -1.89
C LEU A 129 10.20 -4.86 -2.93
N GLN A 130 10.20 -4.17 -4.07
CA GLN A 130 11.14 -4.35 -5.17
C GLN A 130 12.58 -4.78 -4.77
N ARG A 131 13.12 -4.25 -3.67
CA ARG A 131 14.44 -4.61 -3.17
C ARG A 131 14.63 -6.09 -2.75
N VAL A 132 13.57 -6.70 -2.23
CA VAL A 132 13.60 -8.10 -1.80
C VAL A 132 12.64 -9.00 -2.58
N CYS A 133 12.09 -8.54 -3.70
CA CYS A 133 11.16 -9.35 -4.48
C CYS A 133 11.83 -10.03 -5.66
N ALA A 134 11.98 -11.36 -5.63
CA ALA A 134 12.55 -12.14 -6.74
C ALA A 134 11.67 -12.31 -7.99
N TYR A 135 10.45 -12.83 -7.80
CA TYR A 135 9.45 -13.10 -8.84
C TYR A 135 8.03 -13.11 -8.27
N VAL A 136 6.99 -13.02 -9.09
CA VAL A 136 5.62 -13.14 -8.61
C VAL A 136 4.79 -14.15 -9.39
N ASP A 137 4.16 -15.03 -8.64
CA ASP A 137 3.25 -16.02 -9.21
C ASP A 137 1.80 -15.64 -9.17
N SER A 138 1.25 -15.58 -10.38
CA SER A 138 -0.15 -15.23 -10.61
C SER A 138 -0.92 -16.06 -11.63
N VAL A 139 -2.23 -16.19 -11.48
CA VAL A 139 -3.01 -16.93 -12.47
C VAL A 139 -3.74 -16.04 -13.47
N GLU A 140 -3.65 -16.35 -14.75
CA GLU A 140 -4.50 -15.68 -15.71
C GLU A 140 -5.92 -16.22 -15.45
N LEU A 141 -6.76 -15.40 -14.80
CA LEU A 141 -8.13 -15.79 -14.41
C LEU A 141 -9.07 -16.27 -15.51
N ALA A 142 -8.85 -15.77 -16.71
CA ALA A 142 -9.62 -16.18 -17.91
C ALA A 142 -9.10 -17.42 -18.68
N THR A 143 -8.07 -18.07 -18.16
CA THR A 143 -7.44 -19.21 -18.82
C THR A 143 -7.03 -20.28 -17.81
N GLY A 144 -7.05 -20.12 -16.49
CA GLY A 144 -6.54 -21.15 -15.57
C GLY A 144 -5.02 -21.13 -15.39
N LYS A 145 -4.38 -20.74 -16.49
CA LYS A 145 -2.98 -20.46 -16.67
C LYS A 145 -2.08 -19.80 -15.61
N GLN A 146 -1.19 -20.55 -14.98
CA GLN A 146 -0.13 -19.97 -14.16
C GLN A 146 0.95 -19.25 -15.01
N VAL A 147 1.17 -17.99 -14.65
CA VAL A 147 2.15 -17.10 -15.25
C VAL A 147 3.10 -16.62 -14.16
N ARG A 148 4.38 -16.98 -14.18
CA ARG A 148 5.37 -16.47 -13.24
C ARG A 148 6.10 -15.31 -13.89
N LEU A 149 5.84 -14.11 -13.36
CA LEU A 149 6.53 -12.93 -13.84
C LEU A 149 7.80 -12.71 -12.99
N THR A 150 8.98 -12.33 -13.51
CA THR A 150 10.14 -12.04 -12.62
C THR A 150 10.23 -10.57 -12.25
N ALA A 151 10.95 -10.16 -11.19
CA ALA A 151 11.10 -8.73 -10.80
C ALA A 151 11.25 -7.60 -11.84
N LYS A 152 11.79 -7.95 -13.00
CA LYS A 152 11.84 -7.00 -14.11
C LYS A 152 10.46 -6.90 -14.80
N GLU A 153 9.86 -8.04 -15.22
CA GLU A 153 8.56 -8.10 -15.93
C GLU A 153 7.31 -7.57 -15.17
N CYS A 154 7.49 -7.38 -13.85
CA CYS A 154 6.59 -6.68 -12.94
C CYS A 154 6.46 -5.16 -13.09
N ARG A 155 7.37 -4.48 -13.83
CA ARG A 155 7.33 -3.06 -14.17
C ARG A 155 7.18 -2.11 -12.98
N PHE A 156 7.99 -2.43 -11.96
CA PHE A 156 7.96 -1.69 -10.69
C PHE A 156 8.38 -0.24 -10.76
N GLY A 157 7.70 0.62 -10.02
CA GLY A 157 8.00 2.05 -9.93
C GLY A 157 7.66 2.62 -8.56
N TYR A 158 7.74 3.94 -8.30
CA TYR A 158 7.31 4.44 -6.99
C TYR A 158 5.82 4.27 -6.93
N ARG A 159 5.38 3.45 -5.97
CA ARG A 159 3.95 3.14 -5.85
C ARG A 159 3.30 2.55 -7.10
N ASP A 160 4.13 1.84 -7.87
CA ASP A 160 3.66 1.32 -9.12
C ASP A 160 4.20 -0.04 -9.55
N SER A 161 3.31 -0.71 -10.28
CA SER A 161 3.59 -2.00 -10.93
C SER A 161 2.68 -2.27 -12.12
N ILE A 162 2.95 -3.33 -12.87
CA ILE A 162 2.16 -3.72 -14.03
C ILE A 162 0.67 -4.00 -13.68
N PHE A 163 0.50 -4.53 -12.46
CA PHE A 163 -0.79 -4.90 -11.90
C PHE A 163 -1.62 -3.71 -11.45
N LYS A 164 -0.98 -2.53 -11.45
CA LYS A 164 -1.76 -1.34 -11.26
C LYS A 164 -2.38 -0.92 -12.57
N HIS A 165 -1.91 -1.32 -13.77
CA HIS A 165 -2.66 -0.93 -14.98
C HIS A 165 -2.86 -1.89 -16.15
N GLU A 166 -1.86 -2.62 -16.63
CA GLU A 166 -2.09 -3.49 -17.80
C GLU A 166 -2.85 -4.79 -17.45
N TYR A 167 -2.51 -5.31 -16.26
CA TYR A 167 -2.93 -6.59 -15.71
C TYR A 167 -3.92 -6.63 -14.56
N GLN A 168 -4.38 -5.51 -14.01
CA GLN A 168 -5.25 -5.57 -12.83
C GLN A 168 -6.44 -6.51 -12.94
N ASP A 169 -7.32 -6.27 -13.90
CA ASP A 169 -8.41 -7.20 -14.11
C ASP A 169 -8.16 -8.21 -15.24
N ARG A 170 -7.21 -9.11 -14.94
CA ARG A 170 -6.75 -10.19 -15.81
C ARG A 170 -6.06 -11.29 -15.01
N PHE A 171 -5.18 -10.78 -14.16
CA PHE A 171 -4.34 -11.58 -13.28
C PHE A 171 -4.69 -11.52 -11.81
N ALA A 172 -4.44 -12.65 -11.14
CA ALA A 172 -4.65 -12.74 -9.70
C ALA A 172 -3.42 -13.29 -9.02
N ILE A 173 -2.86 -12.52 -8.09
CA ILE A 173 -1.67 -13.01 -7.45
C ILE A 173 -1.88 -14.10 -6.42
N VAL A 174 -1.17 -15.21 -6.53
CA VAL A 174 -1.33 -16.34 -5.61
C VAL A 174 -0.10 -16.75 -4.81
N ALA A 175 1.04 -16.26 -5.26
CA ALA A 175 2.22 -16.37 -4.44
C ALA A 175 3.27 -15.33 -4.80
N VAL A 176 4.11 -15.02 -3.83
CA VAL A 176 5.15 -14.04 -4.05
C VAL A 176 6.46 -14.72 -3.73
N GLY A 177 7.46 -14.46 -4.57
CA GLY A 177 8.81 -14.97 -4.30
C GLY A 177 9.76 -13.93 -3.74
N LEU A 178 10.09 -13.97 -2.46
CA LEU A 178 11.02 -13.02 -1.90
C LEU A 178 12.47 -13.52 -1.86
N ARG A 179 13.43 -12.69 -2.22
CA ARG A 179 14.82 -13.08 -2.14
C ARG A 179 15.50 -12.26 -1.05
N LEU A 180 15.69 -12.83 0.14
CA LEU A 180 16.35 -12.13 1.23
C LEU A 180 17.87 -12.41 1.28
N PRO A 181 18.79 -11.51 0.92
CA PRO A 181 20.21 -11.79 0.96
C PRO A 181 20.78 -12.14 2.32
N LYS A 182 21.75 -13.04 2.30
CA LYS A 182 22.44 -13.42 3.52
C LYS A 182 23.34 -12.33 4.10
N GLU A 183 23.87 -11.40 3.31
CA GLU A 183 24.58 -10.27 3.91
C GLU A 183 23.65 -9.06 3.99
N TRP A 184 23.23 -8.81 5.22
CA TRP A 184 22.37 -7.67 5.50
C TRP A 184 23.02 -6.28 5.48
N GLN A 185 22.57 -5.48 4.52
CA GLN A 185 22.87 -4.05 4.49
C GLN A 185 21.80 -3.34 5.35
N PRO A 186 22.05 -2.72 6.51
CA PRO A 186 21.02 -1.99 7.26
C PRO A 186 20.59 -0.72 6.55
N VAL A 187 19.30 -0.49 6.31
CA VAL A 187 18.90 0.77 5.68
C VAL A 187 18.46 1.78 6.76
N LEU A 188 19.46 2.53 7.20
CA LEU A 188 19.27 3.55 8.22
C LEU A 188 19.12 4.97 7.69
N THR A 189 18.37 5.08 6.58
CA THR A 189 18.18 6.36 5.88
C THR A 189 16.96 7.25 6.22
N TYR A 190 15.76 6.78 6.65
CA TYR A 190 14.71 7.75 7.05
C TYR A 190 14.46 7.88 8.54
N GLY A 191 13.95 9.04 8.92
CA GLY A 191 13.54 9.33 10.28
C GLY A 191 14.54 9.06 11.41
N ASP A 192 14.10 8.51 12.55
CA ASP A 192 14.94 8.22 13.73
C ASP A 192 15.99 7.12 13.57
N LEU A 193 15.87 6.43 12.44
CA LEU A 193 16.85 5.44 12.03
C LEU A 193 18.16 6.14 11.65
N THR A 194 18.07 7.44 11.30
CA THR A 194 19.25 8.27 11.12
C THR A 194 20.00 8.41 12.45
N ARG A 195 19.33 8.37 13.61
CA ARG A 195 20.01 8.34 14.89
C ARG A 195 20.79 7.04 15.17
N LEU A 196 20.76 6.06 14.26
CA LEU A 196 21.45 4.80 14.48
C LEU A 196 22.81 4.59 13.82
N ASP A 197 23.80 4.25 14.64
CA ASP A 197 25.15 3.96 14.14
C ASP A 197 25.28 2.58 13.49
N PRO A 198 25.65 2.45 12.19
CA PRO A 198 25.68 1.17 11.46
C PRO A 198 26.64 0.10 11.96
N THR A 199 27.52 0.45 12.90
CA THR A 199 28.42 -0.51 13.54
C THR A 199 27.85 -1.12 14.83
N THR A 200 26.83 -0.48 15.43
CA THR A 200 26.14 -1.00 16.64
C THR A 200 24.73 -1.52 16.38
N VAL A 201 24.21 -1.36 15.15
CA VAL A 201 22.83 -1.72 14.83
C VAL A 201 22.49 -3.19 14.54
N THR A 202 21.60 -3.74 15.37
CA THR A 202 21.06 -5.09 15.14
C THR A 202 19.73 -5.09 14.38
N PRO A 203 19.42 -6.04 13.47
CA PRO A 203 18.09 -6.20 12.84
C PRO A 203 16.85 -5.99 13.71
N GLN A 204 16.90 -6.58 14.92
CA GLN A 204 15.88 -6.43 15.94
C GLN A 204 15.68 -4.98 16.42
N GLN A 205 16.75 -4.19 16.59
CA GLN A 205 16.53 -2.79 16.98
C GLN A 205 16.11 -1.83 15.86
N VAL A 206 16.40 -2.22 14.62
CA VAL A 206 15.84 -1.51 13.47
C VAL A 206 14.33 -1.76 13.47
N PHE A 207 13.94 -3.04 13.54
CA PHE A 207 12.54 -3.44 13.65
C PHE A 207 11.87 -2.67 14.80
N ASN A 208 12.51 -2.63 15.97
CA ASN A 208 12.02 -1.86 17.11
C ASN A 208 11.78 -0.37 16.80
N ALA A 209 12.77 0.33 16.24
CA ALA A 209 12.61 1.77 15.97
C ALA A 209 11.45 2.10 15.04
N VAL A 210 11.32 1.29 14.00
CA VAL A 210 10.24 1.39 13.03
C VAL A 210 8.86 1.12 13.65
N CYS A 211 8.72 0.08 14.46
CA CYS A 211 7.45 -0.14 15.14
C CYS A 211 7.09 1.05 16.04
N HIS A 212 7.97 1.57 16.92
CA HIS A 212 7.64 2.77 17.72
C HIS A 212 7.22 3.99 16.88
N MET A 213 8.00 4.39 15.88
CA MET A 213 7.62 5.47 14.96
C MET A 213 6.20 5.31 14.42
N ARG A 214 5.91 4.17 13.82
CA ARG A 214 4.58 3.89 13.30
C ARG A 214 3.46 3.91 14.33
N THR A 215 3.63 3.17 15.43
CA THR A 215 2.63 3.07 16.51
C THR A 215 2.30 4.36 17.26
N THR A 216 3.22 5.34 17.21
CA THR A 216 3.03 6.67 17.81
C THR A 216 2.51 7.77 16.87
N LYS A 217 3.05 7.84 15.67
CA LYS A 217 2.58 8.76 14.64
C LYS A 217 1.33 8.42 13.80
N LEU A 218 1.12 7.15 13.44
CA LEU A 218 -0.03 6.78 12.61
C LEU A 218 -1.30 6.38 13.38
N PRO A 219 -2.50 6.68 12.87
CA PRO A 219 -3.77 6.19 13.43
C PRO A 219 -4.14 4.71 13.30
N ASP A 220 -4.28 4.03 14.45
CA ASP A 220 -4.76 2.65 14.48
C ASP A 220 -6.19 2.48 13.90
N PRO A 221 -6.42 1.62 12.90
CA PRO A 221 -7.76 1.34 12.38
C PRO A 221 -8.84 0.89 13.36
N LYS A 222 -8.46 0.37 14.54
CA LYS A 222 -9.41 -0.02 15.60
C LYS A 222 -10.20 1.17 16.16
N VAL A 223 -9.51 2.31 16.26
CA VAL A 223 -10.11 3.54 16.74
C VAL A 223 -10.43 4.43 15.55
N ASN A 224 -9.45 4.73 14.70
CA ASN A 224 -9.72 5.54 13.52
C ASN A 224 -9.52 4.94 12.14
N GLY A 225 -10.66 4.75 11.50
CA GLY A 225 -10.71 4.16 10.19
C GLY A 225 -9.85 4.87 9.16
N ASN A 226 -8.91 4.18 8.52
CA ASN A 226 -8.12 4.80 7.46
C ASN A 226 -7.48 3.83 6.47
N ALA A 227 -6.92 4.37 5.41
CA ALA A 227 -6.16 3.56 4.48
C ALA A 227 -4.70 4.06 4.56
N GLY A 228 -4.23 4.33 5.78
CA GLY A 228 -2.95 5.01 6.03
C GLY A 228 -2.78 6.37 5.29
N SER A 229 -1.65 6.50 4.63
CA SER A 229 -1.33 7.71 3.88
C SER A 229 -2.20 7.83 2.64
N PHE A 230 -3.30 8.57 2.71
CA PHE A 230 -4.23 8.74 1.57
C PHE A 230 -3.58 9.18 0.27
N PHE A 231 -2.59 10.06 0.33
CA PHE A 231 -1.91 10.51 -0.87
C PHE A 231 -0.48 9.97 -1.09
N LYS A 232 0.03 9.87 -2.32
CA LYS A 232 1.44 9.47 -2.49
C LYS A 232 2.30 10.74 -2.33
N ASN A 233 3.44 10.58 -1.65
CA ASN A 233 4.44 11.65 -1.59
C ASN A 233 4.83 12.04 -3.02
N PRO A 234 4.66 13.29 -3.45
CA PRO A 234 4.96 13.69 -4.81
C PRO A 234 6.43 13.46 -5.15
N VAL A 235 6.75 13.01 -6.36
CA VAL A 235 8.15 12.96 -6.74
C VAL A 235 8.34 13.89 -7.92
N VAL A 236 9.04 14.98 -7.64
CA VAL A 236 9.34 16.02 -8.60
C VAL A 236 10.75 15.91 -9.17
N SER A 237 11.01 16.49 -10.33
CA SER A 237 12.35 16.52 -10.90
C SER A 237 13.26 17.57 -10.24
N ALA A 238 14.59 17.45 -10.25
CA ALA A 238 15.47 18.43 -9.61
C ALA A 238 15.20 19.91 -9.94
N GLU A 239 14.83 20.29 -11.17
CA GLU A 239 14.50 21.67 -11.55
C GLU A 239 13.24 22.23 -10.89
N THR A 240 12.17 21.42 -10.96
CA THR A 240 10.90 21.77 -10.32
C THR A 240 11.00 21.81 -8.79
N ALA A 241 11.93 21.00 -8.25
CA ALA A 241 12.28 21.00 -6.83
C ALA A 241 13.08 22.23 -6.38
N LYS A 242 14.16 22.53 -7.10
CA LYS A 242 15.08 23.65 -6.85
C LYS A 242 14.36 25.00 -6.74
N ALA A 243 13.48 25.27 -7.70
CA ALA A 243 12.60 26.44 -7.67
C ALA A 243 11.65 26.45 -6.47
N LEU A 244 11.15 25.31 -5.98
CA LEU A 244 10.33 25.27 -4.78
C LEU A 244 11.20 25.53 -3.54
N LEU A 245 12.33 24.85 -3.38
CA LEU A 245 13.26 25.10 -2.28
C LEU A 245 13.93 26.52 -2.22
N SER A 246 13.77 27.38 -3.22
CA SER A 246 14.25 28.78 -3.17
C SER A 246 13.39 29.78 -2.37
N GLN A 247 12.13 29.37 -2.23
CA GLN A 247 11.13 30.08 -1.43
C GLN A 247 10.65 29.32 -0.19
N PHE A 248 10.63 27.98 -0.20
CA PHE A 248 10.25 27.15 0.97
C PHE A 248 11.37 26.29 1.63
N PRO A 249 12.60 26.78 1.85
CA PRO A 249 13.84 25.97 1.84
C PRO A 249 14.04 24.71 2.70
N THR A 250 13.07 24.27 3.48
CA THR A 250 13.12 23.00 4.23
C THR A 250 11.81 22.23 4.06
N ALA A 251 11.46 22.04 2.78
CA ALA A 251 10.38 21.10 2.48
C ALA A 251 11.09 19.73 2.65
N PRO A 252 10.84 18.75 3.57
CA PRO A 252 11.76 17.63 3.84
C PRO A 252 11.94 16.62 2.70
N ASN A 253 12.83 16.93 1.77
CA ASN A 253 12.94 16.15 0.55
C ASN A 253 14.05 15.13 0.33
N TYR A 254 13.68 13.99 -0.22
CA TYR A 254 14.62 12.90 -0.39
C TYR A 254 15.09 12.65 -1.82
N PRO A 255 16.40 12.47 -2.06
CA PRO A 255 16.93 12.25 -3.39
C PRO A 255 16.62 10.82 -3.79
N GLN A 256 15.90 10.66 -4.90
CA GLN A 256 15.63 9.36 -5.47
C GLN A 256 16.79 8.89 -6.33
N ALA A 257 16.84 7.58 -6.49
CA ALA A 257 17.85 6.86 -7.27
C ALA A 257 18.34 7.43 -8.58
N ASP A 258 17.39 8.05 -9.27
CA ASP A 258 17.60 8.75 -10.54
C ASP A 258 17.85 10.30 -10.53
N GLY A 259 18.20 10.85 -9.37
CA GLY A 259 18.36 12.27 -9.25
C GLY A 259 17.05 13.03 -9.07
N SER A 260 15.88 12.36 -9.10
CA SER A 260 14.59 13.02 -8.81
C SER A 260 14.38 13.31 -7.34
N VAL A 261 13.53 14.26 -6.97
CA VAL A 261 13.23 14.58 -5.58
C VAL A 261 11.83 14.25 -5.08
N LYS A 262 11.85 13.50 -4.00
CA LYS A 262 10.63 13.20 -3.31
C LYS A 262 10.35 14.30 -2.28
N LEU A 263 9.23 14.99 -2.46
CA LEU A 263 8.73 15.95 -1.48
C LEU A 263 7.86 15.32 -0.39
N ALA A 264 7.96 15.63 0.90
CA ALA A 264 7.05 15.05 1.88
C ALA A 264 5.62 15.64 1.86
N ALA A 265 4.60 14.91 1.38
CA ALA A 265 3.22 15.44 1.34
C ALA A 265 2.67 15.81 2.70
N GLY A 266 3.18 15.17 3.76
CA GLY A 266 2.80 15.57 5.12
C GLY A 266 3.09 17.04 5.49
N TRP A 267 4.18 17.61 4.98
CA TRP A 267 4.57 19.00 5.22
C TRP A 267 3.67 19.94 4.44
N LEU A 268 3.64 19.84 3.12
CA LEU A 268 2.80 20.69 2.27
C LEU A 268 1.35 20.92 2.77
N ILE A 269 0.63 19.83 3.12
CA ILE A 269 -0.72 19.87 3.67
C ILE A 269 -0.76 20.70 4.95
N ASP A 270 0.20 20.40 5.81
CA ASP A 270 0.31 21.07 7.08
C ASP A 270 0.60 22.55 6.90
N GLN A 271 1.36 22.95 5.89
CA GLN A 271 1.54 24.36 5.60
C GLN A 271 0.22 25.01 5.29
N CYS A 272 -0.67 24.30 4.59
CA CYS A 272 -2.00 24.82 4.28
C CYS A 272 -3.01 24.90 5.44
N GLN A 273 -2.55 24.63 6.68
CA GLN A 273 -3.36 24.62 7.91
C GLN A 273 -4.63 23.76 7.91
N LEU A 274 -4.43 22.63 7.23
CA LEU A 274 -5.47 21.64 7.01
C LEU A 274 -5.64 20.58 8.08
N LYS A 275 -4.62 20.37 8.91
CA LYS A 275 -4.67 19.44 10.06
C LYS A 275 -5.93 19.53 10.93
N GLY A 276 -6.63 18.46 11.26
CA GLY A 276 -7.89 18.57 12.01
C GLY A 276 -9.15 18.88 11.17
N MET A 277 -9.08 19.38 9.92
CA MET A 277 -10.25 19.68 9.11
C MET A 277 -11.22 18.51 8.86
N GLN A 278 -12.40 18.63 9.48
CA GLN A 278 -13.50 17.69 9.27
C GLN A 278 -14.49 18.19 8.21
N ILE A 279 -14.73 17.33 7.22
CA ILE A 279 -15.75 17.54 6.20
C ILE A 279 -16.60 16.29 6.33
N GLY A 280 -17.77 16.45 6.94
CA GLY A 280 -18.56 15.31 7.38
C GLY A 280 -17.84 14.61 8.54
N GLY A 281 -17.98 13.30 8.68
CA GLY A 281 -17.24 12.55 9.71
C GLY A 281 -15.80 12.18 9.34
N ALA A 282 -15.41 12.53 8.10
CA ALA A 282 -14.02 12.30 7.68
C ALA A 282 -13.16 13.51 8.10
N ALA A 283 -11.94 13.25 8.50
CA ALA A 283 -11.09 14.30 9.02
C ALA A 283 -9.63 14.22 8.64
N VAL A 284 -8.93 15.34 8.51
CA VAL A 284 -7.46 15.28 8.33
C VAL A 284 -6.77 14.93 9.66
N HIS A 285 -6.01 13.83 9.77
CA HIS A 285 -5.38 13.49 11.05
C HIS A 285 -4.49 14.64 11.48
N ARG A 286 -4.68 14.94 12.76
CA ARG A 286 -3.84 15.98 13.35
C ARG A 286 -2.31 15.80 13.36
N GLN A 287 -1.59 14.74 13.76
CA GLN A 287 -0.13 14.69 13.60
C GLN A 287 0.38 14.29 12.21
N GLN A 288 -0.22 13.22 11.68
CA GLN A 288 0.05 12.72 10.33
C GLN A 288 -0.93 13.18 9.27
N ALA A 289 -0.67 14.43 8.83
CA ALA A 289 -1.57 15.10 7.87
C ALA A 289 -1.85 14.49 6.47
N LEU A 290 -1.21 13.37 6.19
CA LEU A 290 -1.40 12.63 4.94
C LEU A 290 -2.49 11.55 5.01
N VAL A 291 -2.67 11.05 6.24
CA VAL A 291 -3.67 10.09 6.65
C VAL A 291 -5.04 10.76 6.82
N LEU A 292 -5.91 10.68 5.82
CA LEU A 292 -7.32 11.03 6.05
C LEU A 292 -8.05 9.91 6.82
N ILE A 293 -8.70 10.26 7.93
CA ILE A 293 -9.42 9.30 8.76
C ILE A 293 -10.94 9.37 8.76
N ASN A 294 -11.55 8.27 9.20
CA ASN A 294 -12.97 8.19 9.45
C ASN A 294 -13.07 8.42 10.96
N GLU A 295 -13.52 9.63 11.28
CA GLU A 295 -13.64 10.15 12.64
C GLU A 295 -15.00 9.99 13.34
N ASP A 296 -16.04 10.35 12.59
CA ASP A 296 -17.41 10.36 13.09
C ASP A 296 -18.43 9.91 12.02
N ASN A 297 -18.57 8.60 11.83
CA ASN A 297 -19.47 8.01 10.81
C ASN A 297 -19.40 8.59 9.42
N ALA A 298 -18.18 8.59 8.91
CA ALA A 298 -17.94 9.09 7.56
C ALA A 298 -18.39 8.19 6.44
N LYS A 299 -19.11 8.81 5.52
CA LYS A 299 -19.47 8.12 4.28
C LYS A 299 -18.52 8.52 3.12
N SER A 300 -18.39 7.66 2.11
CA SER A 300 -17.54 7.86 0.94
C SER A 300 -17.46 9.26 0.34
N GLU A 301 -18.59 9.97 0.21
CA GLU A 301 -18.58 11.37 -0.26
C GLU A 301 -17.78 12.34 0.61
N ASP A 302 -17.82 12.13 1.93
CA ASP A 302 -17.05 12.89 2.91
C ASP A 302 -15.55 12.76 2.69
N VAL A 303 -15.13 11.50 2.47
CA VAL A 303 -13.73 11.22 2.15
C VAL A 303 -13.40 11.76 0.76
N VAL A 304 -14.15 11.50 -0.31
CA VAL A 304 -13.91 12.16 -1.61
C VAL A 304 -13.89 13.70 -1.58
N GLN A 305 -14.78 14.38 -0.86
CA GLN A 305 -14.81 15.84 -0.81
C GLN A 305 -13.68 16.46 0.01
N LEU A 306 -13.37 15.90 1.19
CA LEU A 306 -12.18 16.36 1.91
C LEU A 306 -10.92 16.05 1.08
N ALA A 307 -10.74 14.87 0.46
CA ALA A 307 -9.63 14.63 -0.43
C ALA A 307 -9.49 15.71 -1.51
N HIS A 308 -10.56 16.03 -2.24
CA HIS A 308 -10.57 17.06 -3.29
C HIS A 308 -10.12 18.43 -2.77
N HIS A 309 -10.65 18.79 -1.61
CA HIS A 309 -10.29 20.04 -0.94
C HIS A 309 -8.84 20.10 -0.47
N VAL A 310 -8.28 19.01 0.09
CA VAL A 310 -6.87 18.93 0.49
C VAL A 310 -5.99 18.97 -0.75
N ARG A 311 -6.39 18.31 -1.83
CA ARG A 311 -5.69 18.41 -3.10
C ARG A 311 -5.73 19.83 -3.66
N GLN A 312 -6.89 20.51 -3.56
CA GLN A 312 -7.05 21.88 -4.08
C GLN A 312 -6.31 23.01 -3.33
N LYS A 313 -6.39 23.04 -2.00
CA LYS A 313 -5.56 23.95 -1.21
C LYS A 313 -4.05 23.70 -1.30
N VAL A 314 -3.51 22.47 -1.15
CA VAL A 314 -2.07 22.22 -1.42
C VAL A 314 -1.70 22.62 -2.88
N GLY A 315 -2.51 22.26 -3.88
CA GLY A 315 -2.29 22.68 -5.25
C GLY A 315 -2.25 24.20 -5.44
N GLU A 316 -3.08 25.04 -4.76
CA GLU A 316 -2.97 26.50 -4.90
C GLU A 316 -1.74 27.10 -4.21
N LYS A 317 -1.55 26.85 -2.90
CA LYS A 317 -0.38 27.33 -2.16
C LYS A 317 0.99 26.91 -2.72
N PHE A 318 1.11 25.71 -3.27
CA PHE A 318 2.41 25.25 -3.77
C PHE A 318 2.56 24.79 -5.21
N ASN A 319 1.53 24.82 -6.05
CA ASN A 319 1.56 24.17 -7.37
C ASN A 319 2.20 22.76 -7.50
N VAL A 320 1.85 21.92 -6.52
CA VAL A 320 2.16 20.49 -6.45
C VAL A 320 0.85 19.72 -6.30
N TRP A 321 0.43 19.19 -7.43
CA TRP A 321 -0.83 18.48 -7.56
C TRP A 321 -0.82 17.01 -7.14
N LEU A 322 -1.23 16.80 -5.89
CA LEU A 322 -1.34 15.48 -5.30
C LEU A 322 -2.24 14.39 -5.92
N GLU A 323 -1.70 13.15 -5.81
CA GLU A 323 -2.38 11.92 -6.24
C GLU A 323 -2.77 10.95 -5.12
N PRO A 324 -3.93 10.30 -5.11
CA PRO A 324 -4.21 9.34 -4.06
C PRO A 324 -3.48 7.99 -4.21
N GLU A 325 -3.01 7.41 -3.12
CA GLU A 325 -2.43 6.09 -3.16
C GLU A 325 -3.56 5.04 -3.04
N VAL A 326 -4.61 5.38 -2.30
CA VAL A 326 -5.74 4.50 -2.07
C VAL A 326 -6.49 4.20 -3.37
N ARG A 327 -7.06 3.01 -3.50
CA ARG A 327 -7.77 2.61 -4.70
C ARG A 327 -9.28 2.77 -4.59
N PHE A 328 -9.78 3.55 -5.53
CA PHE A 328 -11.20 3.86 -5.56
C PHE A 328 -12.06 2.81 -6.25
N ILE A 329 -13.05 2.27 -5.54
CA ILE A 329 -13.94 1.28 -6.14
C ILE A 329 -15.40 1.77 -6.28
N GLY A 330 -15.81 1.86 -7.53
CA GLY A 330 -17.19 2.16 -7.89
C GLY A 330 -18.05 0.88 -7.93
N ALA A 331 -19.35 1.04 -8.23
CA ALA A 331 -20.33 -0.05 -8.28
C ALA A 331 -19.95 -1.27 -9.13
N SER A 332 -19.38 -1.03 -10.31
CA SER A 332 -18.91 -2.07 -11.22
C SER A 332 -17.41 -1.94 -11.51
N GLY A 333 -16.61 -1.89 -10.44
CA GLY A 333 -15.15 -1.87 -10.61
C GLY A 333 -14.42 -0.58 -10.21
N GLU A 334 -13.12 -0.52 -10.53
CA GLU A 334 -12.23 0.60 -10.16
C GLU A 334 -12.37 1.84 -11.01
N VAL A 335 -12.28 3.01 -10.35
CA VAL A 335 -12.32 4.29 -11.04
C VAL A 335 -11.11 5.18 -10.74
N SER A 336 -10.77 6.03 -11.71
CA SER A 336 -9.65 6.95 -11.54
C SER A 336 -9.79 7.80 -10.30
N ALA A 337 -8.91 7.55 -9.33
CA ALA A 337 -8.91 8.32 -8.09
C ALA A 337 -8.77 9.84 -8.23
N VAL A 338 -7.85 10.29 -9.09
CA VAL A 338 -7.71 11.72 -9.41
C VAL A 338 -8.95 12.32 -10.08
N GLU A 339 -9.55 11.79 -11.15
CA GLU A 339 -10.75 12.38 -11.76
C GLU A 339 -11.96 12.50 -10.82
N THR A 340 -12.01 11.60 -9.86
CA THR A 340 -13.00 11.62 -8.79
C THR A 340 -12.74 12.69 -7.74
N ILE A 341 -11.48 12.97 -7.39
CA ILE A 341 -11.17 14.07 -6.47
C ILE A 341 -10.74 15.38 -7.17
N SER A 342 -10.65 15.47 -8.50
CA SER A 342 -10.34 16.74 -9.17
C SER A 342 -11.57 17.68 -9.24
#